data_4BIG
#
_entry.id   4BIG
#
_cell.length_a   69.150
_cell.length_b   73.420
_cell.length_c   46.670
_cell.angle_alpha   90.00
_cell.angle_beta   90.00
_cell.angle_gamma   90.00
#
_symmetry.space_group_name_H-M   'P 21 21 2'
#
loop_
_entity.id
_entity.type
_entity.pdbx_description
1 polymer 'UNCHARACTERIZED LIPOPROTEIN SAOUHSC_00053'
2 water water
#
_entity_poly.entity_id   1
_entity_poly.type   'polypeptide(L)'
_entity_poly.pdbx_seq_one_letter_code
;(MSE)GSSHHHHHHENLYFQG(MSE)GKEAEIKKSFEKTLS(MSE)YPIKNLEDLYDKEGYRDDQFDKNDKGTWIVNSQ
(MSE)AIQNKGEALKIKG(MSE)LLKIDRNTRSAKGFYYTNEIKTEKYEVAQDNQKKYPVK(MSE)INNKFISTEEVKEE
NIKKEIENFKFFAQYSNFKDL(MSE)NYKDGDISYNPEVPSYSAQYQLTNDDYNVKQLRKRYDIPTNKAPKLLLKGTGNL
KGSSVGYKKIEFTFLENKNENIYFTDSLHLEPSEDK
;
_entity_poly.pdbx_strand_id   A
#
# COMPACT_ATOMS: atom_id res chain seq x y z
N LYS A 25 -17.29 -3.31 -9.12
CA LYS A 25 -17.37 -2.60 -7.84
C LYS A 25 -17.40 -3.57 -6.69
N LYS A 26 -18.56 -4.18 -6.43
CA LYS A 26 -18.71 -5.06 -5.27
C LYS A 26 -17.83 -6.31 -5.35
N SER A 27 -17.07 -6.41 -6.44
CA SER A 27 -15.93 -7.32 -6.50
C SER A 27 -14.81 -6.80 -5.57
N PHE A 28 -14.86 -5.50 -5.25
CA PHE A 28 -13.93 -4.90 -4.29
C PHE A 28 -14.46 -5.00 -2.86
N GLU A 29 -15.78 -4.92 -2.71
CA GLU A 29 -16.43 -4.95 -1.41
C GLU A 29 -16.10 -6.23 -0.62
N LYS A 30 -15.81 -7.31 -1.33
CA LYS A 30 -15.48 -8.59 -0.68
C LYS A 30 -14.22 -8.47 0.18
N THR A 31 -13.39 -7.47 -0.13
CA THR A 31 -12.15 -7.21 0.57
C THR A 31 -12.25 -5.97 1.44
N LEU A 32 -12.71 -4.88 0.82
CA LEU A 32 -12.77 -3.57 1.47
C LEU A 32 -13.77 -3.51 2.62
N SER A 33 -14.72 -4.44 2.67
CA SER A 33 -15.70 -4.48 3.75
C SER A 33 -15.02 -4.88 5.07
N MSE A 34 -13.89 -5.58 4.96
CA MSE A 34 -13.10 -5.95 6.11
C MSE A 34 -12.47 -4.74 6.82
O MSE A 34 -12.26 -4.77 8.03
CB MSE A 34 -11.99 -6.92 5.70
CG MSE A 34 -12.48 -8.19 5.02
SE MSE A 34 -11.12 -9.61 4.95
CE MSE A 34 -9.92 -8.90 3.58
N TYR A 35 -12.17 -3.68 6.07
CA TYR A 35 -11.44 -2.56 6.65
C TYR A 35 -12.34 -1.82 7.65
N PRO A 36 -11.76 -1.36 8.77
CA PRO A 36 -10.34 -1.49 9.14
C PRO A 36 -9.98 -2.80 9.83
N ILE A 37 -8.79 -3.30 9.55
CA ILE A 37 -8.23 -4.44 10.27
C ILE A 37 -7.10 -3.92 11.16
N LYS A 38 -7.46 -3.45 12.36
CA LYS A 38 -6.48 -2.77 13.23
C LYS A 38 -5.34 -3.69 13.60
N ASN A 39 -5.66 -4.95 13.86
CA ASN A 39 -4.64 -5.94 14.16
C ASN A 39 -4.46 -6.81 12.93
N LEU A 40 -3.36 -6.57 12.19
CA LEU A 40 -3.13 -7.27 10.93
C LEU A 40 -3.00 -8.77 11.16
N GLU A 41 -2.56 -9.16 12.35
CA GLU A 41 -2.49 -10.58 12.75
C GLU A 41 -3.81 -11.34 12.60
N ASP A 42 -4.93 -10.62 12.56
CA ASP A 42 -6.20 -11.27 12.23
C ASP A 42 -6.18 -11.92 10.84
N LEU A 43 -5.23 -11.52 9.99
CA LEU A 43 -5.19 -12.07 8.63
C LEU A 43 -4.69 -13.51 8.63
N TYR A 44 -4.01 -13.91 9.71
CA TYR A 44 -3.66 -15.30 9.91
C TYR A 44 -4.89 -16.18 9.81
N ASP A 45 -6.01 -15.69 10.31
CA ASP A 45 -7.22 -16.50 10.39
C ASP A 45 -8.27 -16.09 9.37
N LYS A 46 -7.90 -15.16 8.49
CA LYS A 46 -8.81 -14.76 7.41
C LYS A 46 -8.51 -15.57 6.15
N GLU A 47 -9.55 -16.26 5.69
CA GLU A 47 -9.44 -17.04 4.47
C GLU A 47 -9.66 -16.13 3.27
N GLY A 48 -8.88 -16.35 2.21
CA GLY A 48 -9.07 -15.64 0.97
C GLY A 48 -9.37 -16.61 -0.17
N TYR A 49 -9.52 -16.08 -1.38
CA TYR A 49 -9.80 -16.90 -2.56
C TYR A 49 -8.61 -17.78 -2.89
N ARG A 50 -8.83 -19.09 -2.82
CA ARG A 50 -7.81 -20.07 -3.20
C ARG A 50 -8.24 -20.75 -4.49
N ASP A 51 -7.27 -21.01 -5.36
CA ASP A 51 -7.54 -21.63 -6.66
C ASP A 51 -6.56 -22.78 -6.87
N ASP A 52 -6.66 -23.44 -8.01
CA ASP A 52 -5.91 -24.67 -8.25
C ASP A 52 -4.39 -24.46 -8.34
N GLN A 53 -3.97 -23.19 -8.40
CA GLN A 53 -2.56 -22.85 -8.27
C GLN A 53 -2.10 -22.92 -6.81
N PHE A 54 -3.05 -22.82 -5.88
CA PHE A 54 -2.76 -23.09 -4.47
C PHE A 54 -2.74 -24.60 -4.26
N ASP A 55 -1.66 -25.10 -3.65
CA ASP A 55 -1.60 -26.47 -3.15
C ASP A 55 -2.63 -26.67 -2.04
N LYS A 56 -3.18 -27.87 -1.94
CA LYS A 56 -4.23 -28.17 -0.96
C LYS A 56 -3.79 -27.98 0.50
N ASN A 57 -2.48 -28.04 0.75
CA ASN A 57 -1.98 -27.80 2.10
C ASN A 57 -1.46 -26.39 2.35
N ASP A 58 -1.62 -25.50 1.37
CA ASP A 58 -1.16 -24.12 1.54
C ASP A 58 -2.36 -23.20 1.79
N LYS A 59 -2.43 -22.67 3.02
CA LYS A 59 -3.50 -21.74 3.40
C LYS A 59 -3.38 -20.37 2.70
N GLY A 60 -2.20 -20.11 2.15
CA GLY A 60 -1.94 -18.86 1.46
C GLY A 60 -1.14 -17.85 2.26
N THR A 61 -0.58 -16.87 1.57
CA THR A 61 0.11 -15.73 2.16
C THR A 61 -0.60 -14.43 1.78
N TRP A 62 -1.02 -13.63 2.76
CA TRP A 62 -1.51 -12.28 2.44
C TRP A 62 -0.32 -11.36 2.20
N ILE A 63 -0.31 -10.75 1.02
CA ILE A 63 0.70 -9.75 0.63
C ILE A 63 -0.01 -8.41 0.77
N VAL A 64 0.48 -7.59 1.69
CA VAL A 64 -0.13 -6.29 1.95
C VAL A 64 0.92 -5.22 1.68
N ASN A 65 0.55 -4.23 0.89
CA ASN A 65 1.48 -3.19 0.49
C ASN A 65 0.81 -1.81 0.51
N SER A 66 1.33 -0.88 1.31
CA SER A 66 0.85 0.50 1.27
C SER A 66 2.02 1.44 0.96
N GLN A 67 1.76 2.48 0.16
CA GLN A 67 2.83 3.30 -0.37
C GLN A 67 2.38 4.71 -0.72
N MSE A 68 3.12 5.68 -0.19
CA MSE A 68 2.91 7.08 -0.53
C MSE A 68 4.03 7.54 -1.48
O MSE A 68 5.22 7.25 -1.26
CB MSE A 68 2.86 7.93 0.75
CG MSE A 68 2.69 9.45 0.54
SE MSE A 68 0.98 9.95 -0.32
CE MSE A 68 -0.23 9.63 1.14
N ALA A 69 3.63 8.24 -2.54
CA ALA A 69 4.57 8.78 -3.51
C ALA A 69 4.26 10.25 -3.67
N ILE A 70 5.27 11.10 -3.41
CA ILE A 70 5.05 12.54 -3.40
C ILE A 70 6.11 13.27 -4.22
N GLN A 71 5.68 14.07 -5.18
CA GLN A 71 6.61 14.84 -5.98
C GLN A 71 6.39 16.34 -5.83
N ASN A 72 7.29 17.00 -5.11
CA ASN A 72 7.23 18.45 -4.96
C ASN A 72 7.74 19.11 -6.24
N LYS A 73 7.24 20.31 -6.57
CA LYS A 73 7.59 20.96 -7.84
C LYS A 73 9.11 21.05 -8.03
N GLY A 74 9.57 20.63 -9.20
CA GLY A 74 10.99 20.67 -9.50
C GLY A 74 11.84 19.65 -8.78
N GLU A 75 11.19 18.83 -7.94
CA GLU A 75 11.89 17.80 -7.18
C GLU A 75 11.58 16.40 -7.71
N ALA A 76 12.35 15.42 -7.28
CA ALA A 76 12.11 14.01 -7.62
C ALA A 76 10.86 13.45 -6.94
N LEU A 77 10.32 12.39 -7.52
CA LEU A 77 9.22 11.65 -6.91
C LEU A 77 9.75 10.86 -5.72
N LYS A 78 9.24 11.17 -4.53
CA LYS A 78 9.71 10.48 -3.32
C LYS A 78 8.68 9.49 -2.81
N ILE A 79 9.15 8.25 -2.66
CA ILE A 79 8.31 7.12 -2.34
C ILE A 79 8.71 6.52 -0.98
N LYS A 80 7.70 6.16 -0.20
CA LYS A 80 7.87 5.53 1.11
C LYS A 80 6.73 4.56 1.26
N GLY A 81 7.02 3.35 1.72
CA GLY A 81 5.99 2.36 1.86
C GLY A 81 6.51 1.16 2.62
N MSE A 82 5.65 0.15 2.78
CA MSE A 82 6.07 -1.09 3.40
C MSE A 82 5.40 -2.21 2.64
O MSE A 82 4.28 -2.05 2.16
CB MSE A 82 5.69 -1.13 4.89
CG MSE A 82 6.29 -2.35 5.62
SE MSE A 82 5.77 -2.43 7.49
CE MSE A 82 6.99 -1.06 8.12
N LEU A 83 6.11 -3.33 2.49
CA LEU A 83 5.52 -4.54 1.93
C LEU A 83 5.62 -5.61 3.00
N LEU A 84 4.52 -6.32 3.24
CA LEU A 84 4.50 -7.38 4.26
C LEU A 84 3.88 -8.66 3.71
N LYS A 85 4.53 -9.79 3.99
CA LYS A 85 4.02 -11.10 3.56
C LYS A 85 3.54 -11.90 4.76
N ILE A 86 2.22 -11.97 4.91
CA ILE A 86 1.62 -12.63 6.07
C ILE A 86 1.33 -14.10 5.73
N ASP A 87 2.21 -14.97 6.20
CA ASP A 87 2.15 -16.39 5.86
C ASP A 87 1.17 -17.10 6.78
N ARG A 88 0.01 -17.51 6.25
CA ARG A 88 -1.01 -18.19 7.07
C ARG A 88 -0.57 -19.55 7.59
N ASN A 89 0.41 -20.17 6.93
CA ASN A 89 0.84 -21.51 7.32
C ASN A 89 1.71 -21.50 8.55
N THR A 90 2.60 -20.51 8.64
CA THR A 90 3.57 -20.40 9.75
C THR A 90 3.15 -19.41 10.82
N ARG A 91 2.02 -18.75 10.64
CA ARG A 91 1.59 -17.66 11.53
C ARG A 91 2.73 -16.67 11.83
N SER A 92 3.55 -16.40 10.81
CA SER A 92 4.59 -15.37 10.88
C SER A 92 4.46 -14.41 9.67
N ALA A 93 5.01 -13.21 9.82
CA ALA A 93 4.99 -12.22 8.73
C ALA A 93 6.32 -11.49 8.59
N LYS A 94 6.85 -11.46 7.36
CA LYS A 94 8.10 -10.77 7.07
C LYS A 94 7.84 -9.84 5.89
N GLY A 95 8.70 -8.84 5.77
CA GLY A 95 8.74 -8.01 4.58
C GLY A 95 9.75 -6.90 4.80
N PHE A 96 9.49 -5.72 4.24
CA PHE A 96 10.44 -4.62 4.39
C PHE A 96 9.81 -3.24 4.24
N TYR A 97 10.38 -2.30 4.97
CA TYR A 97 10.10 -0.89 4.70
C TYR A 97 10.96 -0.49 3.50
N TYR A 98 10.52 0.50 2.74
CA TYR A 98 11.31 0.94 1.60
C TYR A 98 11.12 2.41 1.27
N THR A 99 12.19 3.07 0.83
CA THR A 99 12.14 4.44 0.33
C THR A 99 12.79 4.46 -1.05
N ASN A 100 12.39 5.40 -1.87
CA ASN A 100 12.96 5.51 -3.21
C ASN A 100 12.79 6.92 -3.72
N GLU A 101 13.63 7.31 -4.66
CA GLU A 101 13.53 8.61 -5.29
C GLU A 101 13.64 8.44 -6.80
N ILE A 102 12.65 8.96 -7.51
CA ILE A 102 12.56 8.83 -8.97
C ILE A 102 12.57 10.24 -9.56
N LYS A 103 13.49 10.49 -10.49
CA LYS A 103 13.69 11.85 -10.98
C LYS A 103 13.18 12.05 -12.40
N THR A 104 13.43 11.05 -13.26
CA THR A 104 13.04 11.16 -14.66
C THR A 104 11.76 10.40 -15.01
N GLU A 105 11.25 10.69 -16.19
CA GLU A 105 10.09 10.02 -16.73
C GLU A 105 10.50 8.61 -17.18
N LYS A 106 11.67 8.51 -17.82
CA LYS A 106 12.16 7.24 -18.36
C LYS A 106 13.21 6.57 -17.48
N TYR A 107 13.58 5.33 -17.78
CA TYR A 107 14.50 4.57 -16.91
C TYR A 107 15.95 5.01 -16.97
N GLU A 108 16.46 5.43 -15.81
CA GLU A 108 17.86 5.78 -15.65
C GLU A 108 18.44 4.91 -14.52
N VAL A 109 19.41 4.07 -14.88
CA VAL A 109 19.99 3.09 -13.95
C VAL A 109 20.63 3.74 -12.72
N ALA A 110 21.32 4.87 -12.95
CA ALA A 110 22.17 5.50 -11.93
C ALA A 110 21.39 6.15 -10.78
N GLN A 111 20.07 6.21 -10.91
CA GLN A 111 19.21 6.66 -9.81
C GLN A 111 19.00 5.53 -8.79
N ASP A 112 20.09 4.89 -8.40
CA ASP A 112 20.08 3.77 -7.45
C ASP A 112 19.71 4.26 -6.05
N ASN A 113 18.46 4.70 -5.91
CA ASN A 113 18.02 5.30 -4.66
C ASN A 113 17.19 4.37 -3.79
N GLN A 114 16.91 3.17 -4.30
CA GLN A 114 16.04 2.25 -3.57
C GLN A 114 16.71 1.63 -2.36
N LYS A 115 16.18 1.95 -1.19
CA LYS A 115 16.65 1.36 0.05
C LYS A 115 15.56 0.48 0.66
N LYS A 116 15.95 -0.69 1.14
CA LYS A 116 15.01 -1.60 1.78
C LYS A 116 15.47 -1.90 3.22
N TYR A 117 14.51 -1.93 4.15
CA TYR A 117 14.80 -2.18 5.55
C TYR A 117 13.93 -3.35 6.02
N PRO A 118 14.54 -4.54 6.16
CA PRO A 118 13.76 -5.75 6.43
C PRO A 118 13.10 -5.70 7.80
N VAL A 119 11.82 -6.07 7.86
CA VAL A 119 11.07 -6.09 9.12
C VAL A 119 10.35 -7.44 9.29
N LYS A 120 9.86 -7.69 10.50
CA LYS A 120 8.99 -8.82 10.79
C LYS A 120 7.79 -8.24 11.50
N MSE A 121 6.64 -8.89 11.41
CA MSE A 121 5.55 -8.48 12.29
C MSE A 121 5.52 -9.34 13.54
O MSE A 121 5.48 -10.59 13.47
CB MSE A 121 4.18 -8.48 11.59
CG MSE A 121 3.08 -8.00 12.54
SE MSE A 121 1.33 -7.84 11.62
CE MSE A 121 1.16 -9.72 11.08
N ILE A 122 5.53 -8.66 14.68
CA ILE A 122 5.54 -9.27 16.00
C ILE A 122 4.62 -8.44 16.87
N ASN A 123 3.55 -9.05 17.37
CA ASN A 123 2.52 -8.33 18.16
C ASN A 123 1.96 -7.06 17.51
N ASN A 124 1.54 -7.20 16.24
CA ASN A 124 0.97 -6.11 15.43
C ASN A 124 1.83 -4.86 15.37
N LYS A 125 3.14 -5.05 15.60
CA LYS A 125 4.11 -3.97 15.44
C LYS A 125 5.11 -4.43 14.40
N PHE A 126 5.81 -3.49 13.78
CA PHE A 126 6.77 -3.83 12.74
C PHE A 126 8.18 -3.58 13.26
N ILE A 127 8.99 -4.63 13.28
CA ILE A 127 10.25 -4.64 14.02
C ILE A 127 11.38 -4.84 13.01
N SER A 128 12.36 -3.94 13.01
CA SER A 128 13.54 -4.12 12.17
C SER A 128 14.28 -5.38 12.60
N THR A 129 14.63 -6.22 11.63
CA THR A 129 15.37 -7.43 11.93
C THR A 129 16.83 -7.20 11.62
N GLU A 130 17.16 -5.93 11.38
CA GLU A 130 18.55 -5.50 11.16
C GLU A 130 18.78 -4.19 11.90
N GLU A 131 20.03 -3.73 11.87
CA GLU A 131 20.38 -2.40 12.34
C GLU A 131 19.79 -1.35 11.40
N VAL A 132 19.12 -0.36 11.97
CA VAL A 132 18.79 0.85 11.22
C VAL A 132 19.48 2.02 11.91
N LYS A 133 20.45 2.64 11.25
CA LYS A 133 21.20 3.77 11.85
C LYS A 133 20.48 5.13 11.82
N GLU A 134 19.77 5.41 10.73
CA GLU A 134 19.05 6.68 10.57
C GLU A 134 17.85 6.75 11.52
N GLU A 135 17.91 7.63 12.51
CA GLU A 135 16.79 7.78 13.44
C GLU A 135 15.44 8.06 12.75
N ASN A 136 15.49 8.76 11.63
CA ASN A 136 14.26 9.09 10.91
C ASN A 136 13.57 7.87 10.29
N ILE A 137 14.35 6.86 9.89
CA ILE A 137 13.74 5.61 9.37
C ILE A 137 13.18 4.77 10.51
N LYS A 138 13.90 4.72 11.64
CA LYS A 138 13.44 3.99 12.82
C LYS A 138 12.05 4.43 13.24
N LYS A 139 11.85 5.74 13.29
CA LYS A 139 10.58 6.31 13.69
C LYS A 139 9.47 5.94 12.71
N GLU A 140 9.73 6.10 11.41
CA GLU A 140 8.74 5.73 10.38
C GLU A 140 8.29 4.27 10.50
N ILE A 141 9.24 3.35 10.72
CA ILE A 141 8.89 1.95 10.89
C ILE A 141 8.04 1.71 12.16
N GLU A 142 8.44 2.37 13.25
CA GLU A 142 7.79 2.25 14.56
C GLU A 142 6.33 2.74 14.54
N ASN A 143 6.06 3.80 13.75
CA ASN A 143 4.71 4.39 13.68
C ASN A 143 3.90 3.99 12.43
N PHE A 144 4.45 3.12 11.59
CA PHE A 144 3.83 2.79 10.31
C PHE A 144 2.53 2.04 10.50
N LYS A 145 1.55 2.36 9.65
CA LYS A 145 0.29 1.64 9.61
C LYS A 145 -0.04 1.41 8.16
N PHE A 146 -0.47 0.20 7.83
CA PHE A 146 -0.93 -0.08 6.48
C PHE A 146 -2.31 0.53 6.32
N PHE A 147 -2.66 0.92 5.09
CA PHE A 147 -3.95 1.52 4.79
C PHE A 147 -5.12 0.67 5.35
N ALA A 148 -4.98 -0.66 5.31
CA ALA A 148 -6.03 -1.54 5.80
C ALA A 148 -6.32 -1.36 7.29
N GLN A 149 -5.35 -0.80 8.04
CA GLN A 149 -5.49 -0.72 9.49
C GLN A 149 -6.27 0.48 9.99
N TYR A 150 -6.45 1.48 9.11
CA TYR A 150 -7.08 2.73 9.54
C TYR A 150 -8.19 3.26 8.61
N SER A 151 -8.40 2.60 7.48
CA SER A 151 -9.40 3.07 6.51
C SER A 151 -10.76 2.45 6.80
N ASN A 152 -11.76 2.86 6.02
CA ASN A 152 -13.13 2.36 6.14
C ASN A 152 -13.87 2.55 4.81
N PHE A 153 -14.66 1.57 4.38
CA PHE A 153 -15.29 1.63 3.07
C PHE A 153 -16.79 1.26 3.04
N TYR A 159 -18.79 5.94 -11.75
CA TYR A 159 -18.32 7.04 -12.60
C TYR A 159 -16.98 6.66 -13.21
N LYS A 160 -16.77 7.01 -14.48
CA LYS A 160 -15.52 6.74 -15.22
C LYS A 160 -15.02 5.29 -15.11
N ASP A 161 -15.58 4.41 -15.93
CA ASP A 161 -15.28 2.98 -15.88
C ASP A 161 -14.51 2.48 -17.10
N GLY A 162 -13.38 1.82 -16.86
CA GLY A 162 -12.66 1.14 -17.93
C GLY A 162 -12.90 -0.36 -17.83
N ASP A 163 -12.96 -1.04 -18.97
CA ASP A 163 -13.06 -2.50 -19.00
C ASP A 163 -12.44 -3.03 -20.28
N ILE A 164 -11.18 -3.45 -20.19
CA ILE A 164 -10.51 -4.02 -21.35
C ILE A 164 -10.05 -5.44 -21.04
N SER A 165 -10.92 -6.40 -21.33
CA SER A 165 -10.59 -7.81 -21.16
C SER A 165 -9.80 -8.32 -22.37
N SER A 172 -8.98 -7.04 -16.86
CA SER A 172 -8.40 -5.72 -16.66
C SER A 172 -9.45 -4.60 -16.55
N TYR A 173 -10.18 -4.58 -15.44
CA TYR A 173 -11.20 -3.54 -15.23
C TYR A 173 -10.76 -2.47 -14.23
N SER A 174 -11.38 -1.29 -14.33
CA SER A 174 -11.14 -0.24 -13.35
C SER A 174 -12.34 0.69 -13.21
N ALA A 175 -12.52 1.24 -12.01
CA ALA A 175 -13.51 2.29 -11.79
C ALA A 175 -12.82 3.41 -11.04
N GLN A 176 -13.03 4.65 -11.50
CA GLN A 176 -12.37 5.81 -10.92
C GLN A 176 -13.36 6.90 -10.52
N TYR A 177 -13.27 7.34 -9.27
CA TYR A 177 -14.22 8.29 -8.70
C TYR A 177 -13.55 9.58 -8.21
N GLN A 178 -14.23 10.71 -8.42
CA GLN A 178 -13.82 11.99 -7.86
C GLN A 178 -14.32 12.10 -6.42
N LEU A 179 -13.39 12.20 -5.47
CA LEU A 179 -13.74 12.30 -4.05
C LEU A 179 -13.70 13.77 -3.58
N THR A 180 -14.16 14.01 -2.36
CA THR A 180 -14.00 15.32 -1.72
C THR A 180 -13.03 15.17 -0.57
N ASN A 181 -12.64 16.27 0.06
CA ASN A 181 -11.67 16.25 1.15
C ASN A 181 -12.31 15.92 2.50
N ASP A 182 -13.60 15.59 2.47
CA ASP A 182 -14.30 15.17 3.67
C ASP A 182 -14.60 13.67 3.63
N ASP A 183 -14.13 13.02 2.57
CA ASP A 183 -14.12 11.57 2.50
C ASP A 183 -13.25 11.08 3.67
N TYR A 184 -13.75 10.07 4.38
CA TYR A 184 -13.10 9.59 5.61
C TYR A 184 -11.66 9.14 5.36
N ASN A 185 -11.45 8.50 4.21
CA ASN A 185 -10.14 7.96 3.86
C ASN A 185 -9.18 9.07 3.39
N VAL A 186 -9.73 10.10 2.75
CA VAL A 186 -8.89 11.23 2.35
C VAL A 186 -8.38 11.96 3.58
N LYS A 187 -9.24 12.10 4.58
CA LYS A 187 -8.85 12.72 5.84
C LYS A 187 -7.82 11.85 6.54
N GLN A 188 -7.99 10.54 6.49
CA GLN A 188 -7.02 9.65 7.10
C GLN A 188 -5.65 9.83 6.47
N LEU A 189 -5.60 9.93 5.14
CA LEU A 189 -4.32 10.14 4.47
C LEU A 189 -3.68 11.47 4.88
N ARG A 190 -4.47 12.54 4.94
CA ARG A 190 -3.93 13.85 5.30
C ARG A 190 -3.42 13.95 6.74
N LYS A 191 -3.89 13.09 7.64
CA LYS A 191 -3.36 13.04 9.01
C LYS A 191 -1.97 12.44 8.99
N ARG A 192 -1.88 11.25 8.38
CA ARG A 192 -0.70 10.40 8.44
C ARG A 192 0.41 10.83 7.48
N TYR A 193 0.05 11.57 6.45
CA TYR A 193 1.06 12.00 5.50
C TYR A 193 0.95 13.49 5.21
N ASP A 194 2.09 14.09 4.86
CA ASP A 194 2.15 15.50 4.54
C ASP A 194 1.91 15.70 3.05
N ILE A 195 0.66 15.96 2.69
CA ILE A 195 0.29 16.02 1.28
C ILE A 195 0.25 17.48 0.77
N PRO A 196 1.28 17.86 -0.02
CA PRO A 196 1.57 19.23 -0.48
C PRO A 196 0.69 19.69 -1.63
N THR A 197 -0.59 19.37 -1.55
CA THR A 197 -1.61 19.86 -2.47
C THR A 197 -2.90 19.76 -1.69
N ASN A 198 -3.83 20.67 -1.97
CA ASN A 198 -5.14 20.61 -1.31
C ASN A 198 -6.24 20.10 -2.24
N LYS A 199 -5.86 19.72 -3.45
CA LYS A 199 -6.82 19.16 -4.40
C LYS A 199 -7.32 17.78 -3.93
N ALA A 200 -8.63 17.59 -4.02
CA ALA A 200 -9.26 16.33 -3.66
C ALA A 200 -8.80 15.24 -4.62
N PRO A 201 -8.47 14.05 -4.09
CA PRO A 201 -7.93 13.03 -4.99
C PRO A 201 -9.01 12.27 -5.75
N LYS A 202 -8.61 11.60 -6.83
CA LYS A 202 -9.45 10.54 -7.39
C LYS A 202 -9.03 9.21 -6.76
N LEU A 203 -10.03 8.37 -6.52
CA LEU A 203 -9.81 7.00 -6.10
C LEU A 203 -9.95 6.09 -7.31
N LEU A 204 -8.92 5.28 -7.57
CA LEU A 204 -8.99 4.32 -8.66
C LEU A 204 -9.06 2.92 -8.11
N LEU A 205 -10.12 2.20 -8.44
CA LEU A 205 -10.21 0.79 -8.11
C LEU A 205 -9.77 0.04 -9.36
N LYS A 206 -8.54 -0.47 -9.32
CA LYS A 206 -7.93 -1.12 -10.49
C LYS A 206 -7.89 -2.61 -10.18
N GLY A 207 -8.32 -3.42 -11.15
CA GLY A 207 -8.41 -4.85 -10.92
C GLY A 207 -8.09 -5.70 -12.14
N THR A 208 -7.43 -6.83 -11.91
CA THR A 208 -7.20 -7.82 -12.97
C THR A 208 -7.82 -9.16 -12.61
N LYS A 219 -8.61 -5.58 -5.76
CA LYS A 219 -7.26 -5.90 -6.18
C LYS A 219 -6.25 -4.84 -5.72
N LYS A 220 -6.21 -3.71 -6.43
CA LYS A 220 -5.32 -2.60 -6.08
C LYS A 220 -6.04 -1.24 -6.11
N ILE A 221 -5.73 -0.38 -5.14
CA ILE A 221 -6.42 0.91 -5.08
C ILE A 221 -5.41 2.07 -5.05
N GLU A 222 -5.82 3.21 -5.61
CA GLU A 222 -4.95 4.38 -5.73
C GLU A 222 -5.69 5.70 -5.49
N PHE A 223 -5.14 6.54 -4.62
CA PHE A 223 -5.63 7.90 -4.44
C PHE A 223 -4.66 8.84 -5.18
N THR A 224 -5.10 9.36 -6.32
CA THR A 224 -4.27 10.26 -7.12
C THR A 224 -4.62 11.70 -6.78
N PHE A 225 -3.74 12.37 -6.05
CA PHE A 225 -3.96 13.78 -5.69
C PHE A 225 -3.55 14.74 -6.78
N LEU A 226 -2.44 14.42 -7.43
CA LEU A 226 -1.89 15.29 -8.48
C LEU A 226 -1.28 14.38 -9.53
N GLU A 227 -1.50 14.72 -10.80
CA GLU A 227 -0.97 13.93 -11.90
C GLU A 227 -0.51 14.82 -13.04
N ASN A 228 0.23 15.85 -12.70
CA ASN A 228 0.79 16.74 -13.70
C ASN A 228 2.13 16.19 -14.19
N LYS A 229 2.68 16.79 -15.24
CA LYS A 229 3.94 16.30 -15.77
C LYS A 229 5.07 16.59 -14.78
N ASN A 230 5.74 15.52 -14.35
CA ASN A 230 6.81 15.60 -13.34
C ASN A 230 6.34 16.29 -12.06
N GLU A 231 5.05 16.14 -11.76
CA GLU A 231 4.50 16.60 -10.51
C GLU A 231 3.40 15.63 -10.11
N ASN A 232 3.80 14.54 -9.49
CA ASN A 232 2.90 13.45 -9.17
C ASN A 232 2.73 13.23 -7.66
N ILE A 233 1.49 13.07 -7.21
CA ILE A 233 1.23 12.71 -5.82
C ILE A 233 0.16 11.64 -5.79
N TYR A 234 0.53 10.43 -5.40
CA TYR A 234 -0.44 9.34 -5.31
C TYR A 234 -0.13 8.36 -4.17
N PHE A 235 -1.19 7.84 -3.57
CA PHE A 235 -1.09 6.81 -2.57
C PHE A 235 -1.68 5.52 -3.12
N THR A 236 -0.98 4.40 -2.93
CA THR A 236 -1.53 3.11 -3.34
C THR A 236 -1.55 2.10 -2.20
N ASP A 237 -2.46 1.14 -2.31
CA ASP A 237 -2.56 0.06 -1.34
C ASP A 237 -3.03 -1.18 -2.06
N SER A 238 -2.61 -2.34 -1.60
CA SER A 238 -3.20 -3.57 -2.07
C SER A 238 -3.13 -4.64 -1.00
N LEU A 239 -4.10 -5.55 -1.04
CA LEU A 239 -4.11 -6.75 -0.20
C LEU A 239 -4.68 -7.90 -1.03
N HIS A 240 -3.88 -8.95 -1.24
CA HIS A 240 -4.36 -10.16 -1.92
C HIS A 240 -3.73 -11.41 -1.34
N LEU A 241 -4.41 -12.53 -1.48
CA LEU A 241 -3.89 -13.82 -1.03
C LEU A 241 -3.20 -14.48 -2.22
N GLU A 242 -1.99 -14.97 -2.02
CA GLU A 242 -1.25 -15.65 -3.08
C GLU A 242 -0.57 -16.91 -2.52
N PRO A 243 -0.22 -17.87 -3.38
CA PRO A 243 0.51 -19.08 -2.93
C PRO A 243 1.80 -18.76 -2.15
N SER A 244 2.13 -19.60 -1.18
CA SER A 244 3.34 -19.41 -0.40
C SER A 244 4.51 -20.16 -1.02
#